data_5DUI
#
_entry.id   5DUI
#
_cell.length_a   46.610
_cell.length_b   79.026
_cell.length_c   48.266
_cell.angle_alpha   90.000
_cell.angle_beta   90.790
_cell.angle_gamma   90.000
#
_symmetry.space_group_name_H-M   'P 1 21 1'
#
loop_
_entity.id
_entity.type
_entity.pdbx_description
1 polymer 'Forkhead box protein O1'
2 polymer "DNA (5'-D(*TP*TP*TP*TP*CP*TP*AP*TP*TP*TP*TP*AP*CP*GP*TP*AP*AP*AP*TP*CP*A)-3')"
3 polymer "DNA (5'-D(*AP*TP*GP*AP*TP*TP*TP*AP*CP*GP*TP*AP*AP*AP*AP*TP*AP*GP*AP*AP*A)-3')"
4 water water
#
loop_
_entity_poly.entity_id
_entity_poly.type
_entity_poly.pdbx_seq_one_letter_code
_entity_poly.pdbx_strand_id
1 'polypeptide(L)'
;GSKSSSSRRNAWGNLSYADLITKAIESSAEKRLTLSQIYEWMVKSVPYFKDKGDSNSSAGWKNSIRHNLSLHSKFIRVQN
EGTGKSSWWMLNPEGGKSGKSPRRRAASMDN
;
A,B
2 'polydeoxyribonucleotide'
;(DT)(DT)(DT)(DT)(DC)(DT)(DA)(DT)(DT)(DT)(DT)(DA)(DC)(DG)(DT)(DA)(DA)(DA)(DT)(DC)
(DA)
;
C
3 'polydeoxyribonucleotide'
;(DA)(DT)(DG)(DA)(DT)(DT)(DT)(DA)(DC)(DG)(DT)(DA)(DA)(DA)(DA)(DT)(DA)(DG)(DA)(DA)
(DA)
;
D
#
loop_
_chem_comp.id
_chem_comp.type
_chem_comp.name
_chem_comp.formula
DA DNA linking 2'-DEOXYADENOSINE-5'-MONOPHOSPHATE 'C10 H14 N5 O6 P'
DC DNA linking 2'-DEOXYCYTIDINE-5'-MONOPHOSPHATE 'C9 H14 N3 O7 P'
DG DNA linking 2'-DEOXYGUANOSINE-5'-MONOPHOSPHATE 'C10 H14 N5 O7 P'
DT DNA linking THYMIDINE-5'-MONOPHOSPHATE 'C10 H15 N2 O8 P'
#
# COMPACT_ATOMS: atom_id res chain seq x y z
N TRP A 12 -9.38 5.26 22.34
CA TRP A 12 -9.47 4.69 23.69
C TRP A 12 -8.24 3.83 23.98
N GLY A 13 -7.22 3.94 23.12
CA GLY A 13 -6.01 3.16 23.29
C GLY A 13 -5.42 2.61 22.01
N ASN A 14 -4.56 1.60 22.15
CA ASN A 14 -3.87 0.99 21.00
C ASN A 14 -4.54 -0.27 20.47
N LEU A 15 -5.75 -0.54 20.92
CA LEU A 15 -6.45 -1.76 20.54
C LEU A 15 -7.67 -1.50 19.66
N SER A 16 -7.79 -2.29 18.59
CA SER A 16 -8.96 -2.23 17.73
C SER A 16 -10.12 -3.00 18.37
N TYR A 17 -11.31 -2.86 17.81
CA TYR A 17 -12.48 -3.57 18.33
C TYR A 17 -12.28 -5.08 18.27
N ALA A 18 -11.70 -5.56 17.19
CA ALA A 18 -11.48 -7.00 17.00
C ALA A 18 -10.57 -7.59 18.07
N ASP A 19 -9.67 -6.77 18.60
CA ASP A 19 -8.75 -7.22 19.63
C ASP A 19 -9.35 -7.12 21.02
N LEU A 20 -10.21 -6.13 21.22
CA LEU A 20 -10.94 -5.98 22.48
C LEU A 20 -11.85 -7.19 22.67
N ILE A 21 -12.57 -7.55 21.61
CA ILE A 21 -13.46 -8.69 21.63
C ILE A 21 -12.65 -9.98 21.80
N THR A 22 -11.53 -10.07 21.09
CA THR A 22 -10.64 -11.23 21.17
C THR A 22 -10.19 -11.52 22.59
N LYS A 23 -9.68 -10.51 23.27
CA LYS A 23 -9.22 -10.70 24.65
C LYS A 23 -10.37 -10.81 25.65
N ALA A 24 -11.54 -10.31 25.27
CA ALA A 24 -12.73 -10.47 26.10
C ALA A 24 -13.10 -11.96 26.15
N ILE A 25 -13.09 -12.60 24.98
CA ILE A 25 -13.38 -14.02 24.87
C ILE A 25 -12.31 -14.84 25.59
N GLU A 26 -11.05 -14.44 25.41
CA GLU A 26 -9.93 -15.14 26.04
C GLU A 26 -9.89 -14.96 27.55
N SER A 27 -10.52 -13.90 28.04
CA SER A 27 -10.57 -13.63 29.48
C SER A 27 -11.47 -14.63 30.19
N SER A 28 -12.54 -15.03 29.50
CA SER A 28 -13.46 -16.02 30.05
C SER A 28 -12.78 -17.39 30.14
N ALA A 29 -13.19 -18.18 31.14
CA ALA A 29 -12.60 -19.49 31.35
C ALA A 29 -13.05 -20.51 30.30
N GLU A 30 -14.25 -20.29 29.76
CA GLU A 30 -14.82 -21.21 28.79
C GLU A 30 -14.50 -20.79 27.36
N LYS A 31 -13.82 -19.64 27.22
CA LYS A 31 -13.44 -19.09 25.92
C LYS A 31 -14.65 -18.90 25.01
N ARG A 32 -15.79 -18.55 25.60
CA ARG A 32 -17.00 -18.30 24.85
C ARG A 32 -17.86 -17.25 25.56
N LEU A 33 -18.46 -16.36 24.79
CA LEU A 33 -19.29 -15.31 25.36
C LEU A 33 -20.48 -15.00 24.46
N THR A 34 -21.62 -14.70 25.08
CA THR A 34 -22.76 -14.18 24.34
C THR A 34 -22.46 -12.72 24.02
N LEU A 35 -23.26 -12.13 23.13
CA LEU A 35 -23.05 -10.74 22.73
C LEU A 35 -23.19 -9.79 23.92
N SER A 36 -24.18 -10.05 24.77
CA SER A 36 -24.41 -9.22 25.95
C SER A 36 -23.26 -9.33 26.93
N GLN A 37 -22.67 -10.52 27.03
CA GLN A 37 -21.51 -10.73 27.89
C GLN A 37 -20.31 -9.94 27.39
N ILE A 38 -20.21 -9.79 26.07
CA ILE A 38 -19.14 -9.00 25.47
C ILE A 38 -19.33 -7.52 25.78
N TYR A 39 -20.57 -7.06 25.71
CA TYR A 39 -20.91 -5.69 26.06
C TYR A 39 -20.48 -5.38 27.48
N GLU A 40 -20.91 -6.23 28.41
CA GLU A 40 -20.64 -6.04 29.83
C GLU A 40 -19.15 -6.07 30.15
N TRP A 41 -18.38 -6.79 29.33
CA TRP A 41 -16.94 -6.83 29.51
C TRP A 41 -16.32 -5.47 29.19
N MET A 42 -16.70 -4.92 28.04
CA MET A 42 -16.22 -3.61 27.60
C MET A 42 -16.50 -2.53 28.64
N VAL A 43 -17.72 -2.53 29.14
CA VAL A 43 -18.15 -1.55 30.14
C VAL A 43 -17.38 -1.71 31.45
N LYS A 44 -16.99 -2.94 31.74
CA LYS A 44 -16.35 -3.27 33.01
C LYS A 44 -14.82 -3.35 32.94
N SER A 45 -14.29 -3.62 31.75
CA SER A 45 -12.85 -3.81 31.59
C SER A 45 -12.14 -2.64 30.90
N VAL A 46 -12.86 -1.87 30.09
CA VAL A 46 -12.27 -0.77 29.35
C VAL A 46 -12.71 0.58 29.89
N PRO A 47 -11.73 1.46 30.18
CA PRO A 47 -11.96 2.78 30.79
C PRO A 47 -12.94 3.68 30.03
N TYR A 48 -12.94 3.60 28.70
CA TYR A 48 -13.79 4.49 27.91
C TYR A 48 -15.26 4.11 27.95
N PHE A 49 -15.54 2.84 28.21
CA PHE A 49 -16.91 2.34 28.18
C PHE A 49 -17.57 2.24 29.56
N LYS A 50 -16.97 2.88 30.56
CA LYS A 50 -17.51 2.89 31.91
C LYS A 50 -18.85 3.60 31.98
N ASP A 51 -19.00 4.64 31.16
CA ASP A 51 -20.19 5.48 31.16
C ASP A 51 -21.43 4.77 30.61
N LYS A 52 -21.21 3.83 29.69
CA LYS A 52 -22.31 3.17 28.98
C LYS A 52 -22.98 2.08 29.80
N GLY A 53 -23.41 2.40 31.02
CA GLY A 53 -24.04 1.42 31.88
C GLY A 53 -25.39 0.92 31.37
N ASP A 54 -26.11 1.81 30.69
CA ASP A 54 -27.43 1.45 30.18
C ASP A 54 -27.66 1.98 28.77
N SER A 55 -27.13 1.27 27.79
CA SER A 55 -27.31 1.63 26.39
C SER A 55 -28.06 0.53 25.65
N ASN A 56 -29.07 0.92 24.87
CA ASN A 56 -29.78 -0.03 24.01
C ASN A 56 -28.91 -0.41 22.83
N SER A 57 -29.42 -1.27 21.96
CA SER A 57 -28.69 -1.64 20.76
C SER A 57 -28.56 -0.42 19.84
N SER A 58 -27.32 -0.13 19.43
CA SER A 58 -26.99 1.04 18.62
C SER A 58 -27.39 2.37 19.26
N ALA A 59 -26.52 2.99 20.07
CA ALA A 59 -25.17 2.55 20.47
C ALA A 59 -24.14 2.27 19.37
N GLY A 60 -23.44 3.31 18.94
CA GLY A 60 -22.43 3.19 17.91
C GLY A 60 -21.37 2.15 18.19
N TRP A 61 -20.93 2.06 19.45
CA TRP A 61 -19.89 1.11 19.82
C TRP A 61 -20.40 -0.33 19.85
N LYS A 62 -21.65 -0.51 20.28
CA LYS A 62 -22.27 -1.83 20.25
C LYS A 62 -22.50 -2.26 18.81
N ASN A 63 -22.86 -1.30 17.96
CA ASN A 63 -23.03 -1.55 16.54
C ASN A 63 -21.70 -1.93 15.89
N SER A 64 -20.63 -1.27 16.32
CA SER A 64 -19.30 -1.57 15.83
C SER A 64 -18.86 -2.97 16.25
N ILE A 65 -19.22 -3.35 17.47
CA ILE A 65 -18.88 -4.67 17.99
C ILE A 65 -19.55 -5.79 17.21
N ARG A 66 -20.85 -5.65 16.96
CA ARG A 66 -21.59 -6.62 16.17
C ARG A 66 -21.03 -6.65 14.74
N HIS A 67 -20.61 -5.50 14.25
CA HIS A 67 -20.01 -5.38 12.93
C HIS A 67 -18.72 -6.20 12.84
N ASN A 68 -17.86 -6.06 13.84
CA ASN A 68 -16.58 -6.77 13.85
C ASN A 68 -16.74 -8.28 14.02
N LEU A 69 -17.75 -8.69 14.80
CA LEU A 69 -18.02 -10.11 15.02
C LEU A 69 -18.39 -10.82 13.72
N SER A 70 -19.23 -10.16 12.92
CA SER A 70 -19.69 -10.75 11.66
C SER A 70 -18.64 -10.63 10.56
N LEU A 71 -17.90 -9.52 10.57
CA LEU A 71 -16.93 -9.23 9.52
C LEU A 71 -15.70 -10.14 9.61
N HIS A 72 -15.12 -10.22 10.80
CA HIS A 72 -13.89 -10.98 11.02
C HIS A 72 -14.16 -12.47 11.22
N SER A 73 -13.42 -13.30 10.47
CA SER A 73 -13.65 -14.75 10.50
C SER A 73 -12.92 -15.44 11.63
N LYS A 74 -12.22 -14.67 12.46
CA LYS A 74 -11.60 -15.22 13.66
C LYS A 74 -12.67 -15.53 14.68
N PHE A 75 -13.80 -14.85 14.55
CA PHE A 75 -14.94 -15.04 15.45
C PHE A 75 -15.93 -16.04 14.85
N ILE A 76 -16.32 -17.02 15.64
CA ILE A 76 -17.27 -18.03 15.19
C ILE A 76 -18.52 -18.02 16.05
N ARG A 77 -19.67 -17.78 15.41
CA ARG A 77 -20.95 -17.82 16.11
C ARG A 77 -21.40 -19.26 16.25
N VAL A 78 -21.51 -19.72 17.50
CA VAL A 78 -21.87 -21.11 17.76
C VAL A 78 -23.20 -21.23 18.49
N GLN A 79 -24.05 -22.13 18.01
CA GLN A 79 -25.36 -22.40 18.59
C GLN A 79 -25.31 -22.66 20.08
N ASN A 80 -26.04 -21.85 20.85
CA ASN A 80 -26.16 -22.06 22.28
C ASN A 80 -27.36 -22.96 22.56
N GLU A 81 -27.16 -23.97 23.40
CA GLU A 81 -28.26 -24.85 23.76
C GLU A 81 -28.44 -24.88 25.28
N GLY A 82 -29.49 -24.23 25.77
CA GLY A 82 -30.39 -23.46 24.95
C GLY A 82 -31.06 -22.40 25.79
N THR A 83 -32.36 -22.60 26.04
CA THR A 83 -33.17 -21.72 26.88
C THR A 83 -33.28 -20.28 26.37
N GLY A 84 -33.41 -20.11 25.05
CA GLY A 84 -33.68 -18.79 24.48
C GLY A 84 -32.51 -17.84 24.50
N LYS A 85 -31.39 -18.28 25.07
CA LYS A 85 -30.18 -17.47 25.12
C LYS A 85 -29.58 -17.31 23.73
N SER A 86 -28.95 -16.16 23.51
CA SER A 86 -28.31 -15.90 22.22
C SER A 86 -27.09 -16.78 22.04
N SER A 87 -26.58 -16.84 20.80
CA SER A 87 -25.50 -17.75 20.46
C SER A 87 -24.18 -17.43 21.17
N TRP A 88 -23.31 -18.43 21.25
CA TRP A 88 -21.97 -18.22 21.78
C TRP A 88 -21.09 -17.60 20.72
N TRP A 89 -20.25 -16.64 21.13
CA TRP A 89 -19.22 -16.12 20.24
C TRP A 89 -17.87 -16.64 20.67
N MET A 90 -17.26 -17.46 19.83
CA MET A 90 -15.99 -18.10 20.15
C MET A 90 -14.92 -17.75 19.13
N LEU A 91 -13.68 -18.06 19.48
CA LEU A 91 -12.54 -17.80 18.60
C LEU A 91 -12.11 -19.07 17.87
N ASN A 92 -11.79 -18.92 16.59
CA ASN A 92 -11.26 -20.03 15.80
C ASN A 92 -9.86 -20.36 16.30
N PRO A 93 -9.65 -21.63 16.70
CA PRO A 93 -8.37 -22.10 17.26
C PRO A 93 -7.19 -21.87 16.31
N GLU A 94 -7.31 -22.36 15.09
CA GLU A 94 -6.24 -22.20 14.10
C GLU A 94 -6.22 -20.78 13.53
N GLY A 95 -7.21 -19.98 13.89
CA GLY A 95 -7.27 -18.59 13.50
C GLY A 95 -7.94 -18.35 12.16
N GLY A 96 -7.54 -19.11 11.15
CA GLY A 96 -8.07 -18.94 9.80
C GLY A 96 -7.76 -17.55 9.29
N LYS A 97 -8.80 -16.76 9.04
CA LYS A 97 -8.67 -15.35 8.69
C LYS A 97 -7.80 -15.15 7.44
N GLY B 13 6.45 18.41 -15.78
CA GLY B 13 5.47 17.52 -16.41
C GLY B 13 4.85 16.56 -15.42
N ASN B 14 4.12 15.58 -15.95
CA ASN B 14 3.45 14.58 -15.10
C ASN B 14 3.92 13.16 -15.41
N LEU B 15 5.06 13.04 -16.06
CA LEU B 15 5.62 11.74 -16.40
C LEU B 15 6.87 11.43 -15.58
N SER B 16 7.15 10.15 -15.39
CA SER B 16 8.37 9.74 -14.70
C SER B 16 9.57 9.93 -15.62
N TYR B 17 10.77 9.83 -15.06
CA TYR B 17 11.98 9.97 -15.85
C TYR B 17 12.08 8.87 -16.89
N ALA B 18 11.78 7.64 -16.48
CA ALA B 18 11.83 6.48 -17.38
C ALA B 18 10.92 6.67 -18.59
N ASP B 19 9.70 7.14 -18.35
CA ASP B 19 8.75 7.40 -19.44
C ASP B 19 9.21 8.58 -20.28
N LEU B 20 9.84 9.56 -19.62
CA LEU B 20 10.33 10.75 -20.30
C LEU B 20 11.49 10.39 -21.22
N ILE B 21 12.38 9.54 -20.74
CA ILE B 21 13.49 9.05 -21.54
C ILE B 21 12.97 8.15 -22.67
N THR B 22 11.95 7.35 -22.36
CA THR B 22 11.33 6.47 -23.34
C THR B 22 10.78 7.26 -24.52
N LYS B 23 10.12 8.38 -24.22
CA LYS B 23 9.54 9.22 -25.26
C LYS B 23 10.62 9.90 -26.09
N ALA B 24 11.80 10.08 -25.47
CA ALA B 24 12.93 10.70 -26.16
C ALA B 24 13.50 9.74 -27.21
N ILE B 25 13.72 8.50 -26.80
CA ILE B 25 14.26 7.48 -27.71
C ILE B 25 13.29 7.18 -28.84
N GLU B 26 12.01 7.10 -28.51
CA GLU B 26 10.97 6.83 -29.51
C GLU B 26 10.84 7.96 -30.52
N SER B 27 11.18 9.18 -30.11
CA SER B 27 11.06 10.34 -30.99
C SER B 27 12.10 10.32 -32.10
N SER B 28 13.24 9.70 -31.83
CA SER B 28 14.31 9.57 -32.83
C SER B 28 13.90 8.59 -33.92
N ALA B 29 14.36 8.85 -35.14
CA ALA B 29 14.02 7.99 -36.27
C ALA B 29 14.74 6.65 -36.19
N GLU B 30 15.92 6.66 -35.57
CA GLU B 30 16.74 5.45 -35.46
C GLU B 30 16.49 4.73 -34.14
N LYS B 31 15.57 5.25 -33.34
CA LYS B 31 15.20 4.67 -32.05
C LYS B 31 16.41 4.45 -31.14
N ARG B 32 17.37 5.37 -31.20
CA ARG B 32 18.57 5.28 -30.39
C ARG B 32 19.15 6.68 -30.16
N LEU B 33 19.65 6.92 -28.95
CA LEU B 33 20.24 8.20 -28.60
C LEU B 33 21.41 8.02 -27.65
N THR B 34 22.42 8.88 -27.79
CA THR B 34 23.50 8.91 -26.81
C THR B 34 22.98 9.67 -25.59
N LEU B 35 23.72 9.60 -24.49
CA LEU B 35 23.31 10.25 -23.25
C LEU B 35 23.14 11.76 -23.43
N SER B 36 24.09 12.38 -24.13
CA SER B 36 24.04 13.83 -24.35
C SER B 36 22.86 14.23 -25.23
N GLN B 37 22.48 13.35 -26.15
CA GLN B 37 21.32 13.60 -27.00
C GLN B 37 20.03 13.53 -26.20
N ILE B 38 20.00 12.62 -25.22
CA ILE B 38 18.86 12.51 -24.32
C ILE B 38 18.74 13.77 -23.47
N TYR B 39 19.89 14.30 -23.05
CA TYR B 39 19.94 15.56 -22.33
C TYR B 39 19.32 16.68 -23.17
N GLU B 40 19.78 16.79 -24.42
CA GLU B 40 19.30 17.81 -25.34
C GLU B 40 17.78 17.76 -25.52
N TRP B 41 17.26 16.56 -25.73
CA TRP B 41 15.83 16.38 -25.95
C TRP B 41 15.02 16.89 -24.77
N MET B 42 15.50 16.63 -23.56
CA MET B 42 14.86 17.13 -22.35
C MET B 42 14.83 18.66 -22.36
N VAL B 43 15.91 19.25 -22.86
CA VAL B 43 16.06 20.70 -22.89
C VAL B 43 15.16 21.34 -23.95
N LYS B 44 15.02 20.69 -25.10
CA LYS B 44 14.27 21.29 -26.21
C LYS B 44 12.86 20.72 -26.37
N SER B 45 12.36 20.03 -25.36
CA SER B 45 11.02 19.45 -25.42
C SER B 45 10.21 19.65 -24.14
N VAL B 46 10.90 19.56 -23.00
CA VAL B 46 10.23 19.69 -21.71
C VAL B 46 10.39 21.10 -21.13
N PRO B 47 9.26 21.75 -20.84
CA PRO B 47 9.22 23.13 -20.33
C PRO B 47 10.06 23.35 -19.07
N TYR B 48 10.07 22.37 -18.18
CA TYR B 48 10.81 22.49 -16.93
C TYR B 48 12.33 22.46 -17.13
N PHE B 49 12.76 21.93 -18.28
CA PHE B 49 14.19 21.80 -18.57
C PHE B 49 14.66 22.78 -19.65
N LYS B 50 13.72 23.44 -20.31
CA LYS B 50 14.02 24.38 -21.38
C LYS B 50 14.96 25.49 -20.93
N ASP B 51 15.02 25.70 -19.61
CA ASP B 51 15.85 26.74 -19.02
C ASP B 51 17.19 26.20 -18.51
N LYS B 52 17.21 24.94 -18.10
CA LYS B 52 18.35 24.38 -17.39
C LYS B 52 19.32 23.61 -18.29
N GLY B 53 19.33 23.95 -19.57
CA GLY B 53 20.17 23.23 -20.53
C GLY B 53 21.63 23.62 -20.54
N ASP B 54 22.07 24.29 -19.48
CA ASP B 54 23.44 24.76 -19.39
C ASP B 54 24.15 24.27 -18.13
N SER B 55 23.42 23.50 -17.32
CA SER B 55 23.96 22.98 -16.07
C SER B 55 25.03 21.92 -16.32
N ASN B 56 25.87 21.69 -15.31
CA ASN B 56 26.92 20.67 -15.40
C ASN B 56 26.31 19.28 -15.41
N SER B 57 27.14 18.26 -15.63
CA SER B 57 26.65 16.88 -15.62
C SER B 57 26.35 16.41 -14.18
N SER B 58 26.66 17.26 -13.21
CA SER B 58 26.34 16.97 -11.81
C SER B 58 25.03 17.67 -11.42
N ALA B 59 24.26 18.07 -12.44
CA ALA B 59 23.06 18.87 -12.27
C ALA B 59 22.09 18.29 -11.25
N GLY B 60 21.76 17.02 -11.42
CA GLY B 60 20.77 16.38 -10.58
C GLY B 60 19.73 15.67 -11.42
N TRP B 61 19.10 16.41 -12.33
CA TRP B 61 18.18 15.79 -13.27
C TRP B 61 18.96 14.96 -14.28
N LYS B 62 20.19 15.40 -14.57
CA LYS B 62 21.10 14.61 -15.40
C LYS B 62 21.49 13.34 -14.65
N ASN B 63 21.73 13.49 -13.35
CA ASN B 63 22.08 12.35 -12.50
C ASN B 63 20.94 11.34 -12.44
N SER B 64 19.70 11.84 -12.37
CA SER B 64 18.54 10.98 -12.30
C SER B 64 18.30 10.27 -13.64
N ILE B 65 18.68 10.92 -14.73
CA ILE B 65 18.55 10.33 -16.06
C ILE B 65 19.50 9.15 -16.22
N ARG B 66 20.77 9.35 -15.85
CA ARG B 66 21.76 8.28 -15.87
C ARG B 66 21.32 7.17 -14.92
N HIS B 67 20.73 7.56 -13.80
CA HIS B 67 20.20 6.63 -12.80
C HIS B 67 19.14 5.72 -13.41
N ASN B 68 18.18 6.32 -14.11
CA ASN B 68 17.10 5.57 -14.72
C ASN B 68 17.56 4.66 -15.85
N LEU B 69 18.51 5.14 -16.64
CA LEU B 69 19.04 4.37 -17.77
C LEU B 69 19.69 3.07 -17.32
N SER B 70 20.50 3.14 -16.27
CA SER B 70 21.19 1.96 -15.76
C SER B 70 20.26 0.99 -15.06
N LEU B 71 19.47 1.52 -14.12
CA LEU B 71 18.56 0.69 -13.32
C LEU B 71 17.51 -0.02 -14.17
N HIS B 72 16.70 0.76 -14.88
CA HIS B 72 15.58 0.22 -15.63
C HIS B 72 16.02 -0.66 -16.81
N SER B 73 15.54 -1.89 -16.82
CA SER B 73 15.90 -2.88 -17.83
C SER B 73 15.33 -2.59 -19.21
N LYS B 74 14.40 -1.65 -19.30
CA LYS B 74 13.81 -1.29 -20.59
C LYS B 74 14.81 -0.57 -21.47
N PHE B 75 15.87 -0.05 -20.85
CA PHE B 75 16.92 0.67 -21.57
C PHE B 75 18.13 -0.22 -21.75
N ILE B 76 18.53 -0.42 -23.01
CA ILE B 76 19.68 -1.25 -23.32
C ILE B 76 20.85 -0.39 -23.80
N ARG B 77 22.00 -0.56 -23.15
CA ARG B 77 23.20 0.16 -23.55
C ARG B 77 23.96 -0.64 -24.61
N VAL B 78 24.08 -0.05 -25.80
CA VAL B 78 24.80 -0.69 -26.90
C VAL B 78 25.97 0.17 -27.35
N GLN B 79 27.15 -0.45 -27.43
CA GLN B 79 28.37 0.25 -27.80
C GLN B 79 28.24 0.95 -29.15
N ASN B 80 28.59 2.24 -29.18
CA ASN B 80 28.53 3.01 -30.41
C ASN B 80 29.56 2.49 -31.41
N GLU B 81 29.07 1.93 -32.51
CA GLU B 81 29.94 1.28 -33.48
C GLU B 81 30.74 2.28 -34.34
N GLY B 82 30.39 3.55 -34.24
CA GLY B 82 30.96 4.57 -35.10
C GLY B 82 32.20 5.28 -34.59
N THR B 83 32.96 4.60 -33.74
CA THR B 83 34.18 5.16 -33.14
C THR B 83 33.96 6.48 -32.39
N GLY B 84 32.71 6.92 -32.30
CA GLY B 84 32.33 7.98 -31.38
C GLY B 84 32.15 7.32 -30.02
N LYS B 85 32.67 7.96 -28.98
CA LYS B 85 32.74 7.35 -27.65
C LYS B 85 31.41 6.83 -27.10
N SER B 86 30.59 7.76 -26.61
CA SER B 86 29.33 7.44 -25.93
C SER B 86 28.46 6.41 -26.65
N SER B 87 28.14 5.34 -25.93
CA SER B 87 27.34 4.25 -26.45
C SER B 87 25.89 4.67 -26.70
N TRP B 88 25.20 3.92 -27.55
CA TRP B 88 23.79 4.18 -27.83
C TRP B 88 22.92 3.71 -26.66
N TRP B 89 21.80 4.40 -26.46
CA TRP B 89 20.80 3.95 -25.51
C TRP B 89 19.51 3.61 -26.25
N MET B 90 19.16 2.33 -26.24
CA MET B 90 17.99 1.87 -26.99
C MET B 90 16.93 1.28 -26.08
N LEU B 91 15.72 1.12 -26.59
CA LEU B 91 14.64 0.51 -25.86
C LEU B 91 14.53 -0.97 -26.19
N ASN B 92 14.48 -1.80 -25.15
CA ASN B 92 14.20 -3.22 -25.32
C ASN B 92 12.81 -3.37 -25.93
N PRO B 93 12.73 -3.92 -27.14
CA PRO B 93 11.46 -4.04 -27.88
C PRO B 93 10.41 -4.89 -27.16
N GLU B 94 10.85 -5.68 -26.17
CA GLU B 94 9.94 -6.50 -25.39
C GLU B 94 9.56 -5.84 -24.08
N GLY B 95 10.22 -4.72 -23.78
CA GLY B 95 9.98 -4.01 -22.53
C GLY B 95 10.97 -4.41 -21.46
N GLY B 96 11.22 -5.71 -21.34
CA GLY B 96 12.19 -6.23 -20.40
C GLY B 96 11.73 -6.22 -18.95
N LYS B 97 10.59 -5.57 -18.69
CA LYS B 97 10.05 -5.48 -17.35
C LYS B 97 8.86 -6.42 -17.14
#